data_5D9Z
#
_entry.id   5D9Z
#
_cell.length_a   75.896
_cell.length_b   75.896
_cell.length_c   124.065
_cell.angle_alpha   90.00
_cell.angle_beta   90.00
_cell.angle_gamma   120.00
#
_symmetry.space_group_name_H-M   'P 31 2 1'
#
loop_
_entity.id
_entity.type
_entity.pdbx_description
1 polymer 'Tuber agglutinin'
2 polymer 'Tuber agglutinin'
3 non-polymer beta-D-mannopyranose
4 non-polymer 'PHOSPHATE ION'
5 water water
#
loop_
_entity_poly.entity_id
_entity_poly.type
_entity_poly.pdbx_seq_one_letter_code
_entity_poly.pdbx_strand_id
1 'polypeptide(L)'
;LGTNYLLSGQTLDREGHLKNGDFDLVMQDDCNLVLYNGNWQSNTANKGRDCKLTLTDYGELVIKNGDGSTVWRSRAQSVK
GNYAAVVHPDGRLVVFGPSVFKIDPWVPG
;
A
2 'polypeptide(L)'
;NIPFTNNLLFSGQVLYGDGRLTAKSHQLVMQGDCNLVLYGGKYGWQSNTHGNGEHCFLRLNHKGELIIKDDDFKTIWSSS
SSSKHGDYVLILRDDGFAVIYGPAIWETSPQA
;
B
#
# COMPACT_ATOMS: atom_id res chain seq x y z
N LEU A 1 -3.87 4.51 11.01
CA LEU A 1 -2.46 4.27 11.31
C LEU A 1 -2.13 2.78 11.38
N GLY A 2 -1.17 2.37 10.56
CA GLY A 2 -0.71 0.99 10.58
C GLY A 2 0.70 0.72 10.07
N THR A 3 1.70 1.44 10.58
CA THR A 3 3.13 1.09 10.39
C THR A 3 3.81 1.65 9.19
N ASN A 4 3.41 1.21 8.00
CA ASN A 4 4.01 1.77 6.81
C ASN A 4 3.03 2.40 5.83
N TYR A 5 1.75 2.52 6.22
CA TYR A 5 0.79 3.23 5.38
C TYR A 5 -0.22 4.05 6.12
N LEU A 6 -0.71 5.04 5.41
CA LEU A 6 -1.76 5.85 5.91
C LEU A 6 -2.77 5.81 4.81
N LEU A 7 -3.92 5.21 5.11
CA LEU A 7 -5.03 5.13 4.16
C LEU A 7 -5.67 6.47 4.18
N SER A 8 -6.34 6.81 3.09
CA SER A 8 -7.12 8.03 3.03
C SER A 8 -8.17 8.00 4.12
N GLY A 9 -8.28 9.10 4.84
CA GLY A 9 -9.22 9.17 5.95
C GLY A 9 -8.52 8.94 7.26
N GLN A 10 -7.34 8.33 7.23
CA GLN A 10 -6.60 8.09 8.45
C GLN A 10 -5.81 9.33 8.83
N THR A 11 -5.40 9.40 10.09
CA THR A 11 -4.64 10.56 10.54
C THR A 11 -3.38 10.11 11.22
N LEU A 12 -2.28 10.74 10.87
CA LEU A 12 -1.01 10.51 11.53
C LEU A 12 -0.87 11.68 12.46
N ASP A 13 -0.83 11.42 13.77
CA ASP A 13 -0.81 12.49 14.78
C ASP A 13 0.58 12.96 15.18
N ARG A 14 0.66 13.97 16.04
CA ARG A 14 1.94 14.44 16.57
C ARG A 14 2.65 13.22 17.13
N GLU A 15 3.95 13.10 16.86
CA GLU A 15 4.73 11.93 17.26
C GLU A 15 4.43 10.64 16.49
N GLY A 16 3.37 10.63 15.69
CA GLY A 16 3.03 9.42 14.96
C GLY A 16 3.99 9.25 13.83
N HIS A 17 4.24 8.00 13.44
CA HIS A 17 5.17 7.74 12.34
C HIS A 17 4.89 6.51 11.48
N LEU A 18 5.51 6.52 10.31
CA LEU A 18 5.45 5.41 9.40
C LEU A 18 6.90 4.95 9.16
N LYS A 19 7.18 3.67 9.35
CA LYS A 19 8.56 3.19 9.25
C LYS A 19 8.72 2.08 8.22
N ASN A 20 9.72 2.21 7.38
CA ASN A 20 10.11 1.06 6.59
C ASN A 20 11.60 1.03 6.51
N GLY A 21 12.20 0.05 7.17
CA GLY A 21 13.65 -0.01 7.24
C GLY A 21 14.31 1.17 7.93
N ASP A 22 15.42 1.63 7.37
CA ASP A 22 16.11 2.77 7.94
C ASP A 22 15.36 4.07 7.65
N PHE A 23 14.07 3.98 7.38
CA PHE A 23 13.31 5.16 7.01
C PHE A 23 12.19 5.51 7.99
N ASP A 24 12.03 6.81 8.27
CA ASP A 24 11.04 7.23 9.26
C ASP A 24 10.38 8.59 8.99
N LEU A 25 9.08 8.56 8.70
CA LEU A 25 8.29 9.77 8.48
C LEU A 25 7.75 10.10 9.83
N VAL A 26 8.21 11.18 10.43
CA VAL A 26 7.66 11.53 11.72
C VAL A 26 6.86 12.77 11.54
N MET A 27 5.64 12.75 12.06
CA MET A 27 4.91 13.99 12.22
C MET A 27 5.42 14.63 13.49
N GLN A 28 6.28 15.63 13.36
CA GLN A 28 7.06 16.12 14.50
C GLN A 28 6.37 17.19 15.31
N ASP A 29 7.00 17.51 16.45
CA ASP A 29 6.61 18.60 17.33
C ASP A 29 6.19 19.86 16.60
N ASP A 30 7.17 20.43 15.91
CA ASP A 30 7.05 21.76 15.36
C ASP A 30 6.25 21.78 14.07
N CYS A 31 5.31 20.86 13.92
CA CYS A 31 4.48 20.84 12.74
C CYS A 31 5.31 20.55 11.47
N ASN A 32 6.52 20.02 11.62
CA ASN A 32 7.31 19.66 10.45
C ASN A 32 7.31 18.16 10.16
N LEU A 33 6.96 17.78 8.93
CA LEU A 33 6.96 16.37 8.54
C LEU A 33 8.31 16.04 7.96
N VAL A 34 9.06 15.25 8.71
CA VAL A 34 10.39 14.90 8.28
C VAL A 34 10.42 13.42 7.99
N LEU A 35 10.98 13.10 6.83
CA LEU A 35 11.19 11.72 6.43
C LEU A 35 12.67 11.41 6.59
N TYR A 36 13.03 10.98 7.78
CA TYR A 36 14.42 10.73 8.15
C TYR A 36 15.09 9.71 7.25
N ASN A 37 16.36 9.96 6.95
CA ASN A 37 17.15 9.17 5.99
C ASN A 37 16.54 9.22 4.60
N GLY A 38 15.64 10.16 4.38
CA GLY A 38 14.92 10.22 3.13
C GLY A 38 15.10 11.54 2.45
N ASN A 39 15.94 12.38 3.04
CA ASN A 39 16.18 13.74 2.55
C ASN A 39 14.91 14.39 2.02
N TRP A 40 13.90 14.46 2.86
CA TRP A 40 12.69 15.13 2.45
C TRP A 40 11.98 15.68 3.65
N GLN A 41 11.34 16.82 3.48
CA GLN A 41 10.48 17.33 4.53
C GLN A 41 9.33 18.10 3.94
N SER A 42 8.25 18.18 4.71
CA SER A 42 7.16 19.07 4.35
C SER A 42 7.77 20.45 4.33
N ASN A 43 8.72 20.66 5.25
CA ASN A 43 9.39 21.93 5.42
C ASN A 43 8.42 22.98 5.93
N THR A 44 7.85 22.71 7.09
CA THR A 44 6.82 23.55 7.67
C THR A 44 7.02 23.65 9.17
N ALA A 45 8.27 23.79 9.61
CA ALA A 45 8.53 23.82 11.04
C ALA A 45 7.93 25.07 11.67
N ASN A 46 7.55 24.97 12.94
CA ASN A 46 7.05 26.10 13.70
C ASN A 46 5.82 26.77 13.11
N LYS A 47 5.49 26.42 11.86
CA LYS A 47 4.27 26.85 11.20
C LYS A 47 3.00 26.27 11.86
N GLY A 48 3.18 25.70 13.06
CA GLY A 48 2.08 25.16 13.85
C GLY A 48 2.56 24.49 15.13
N ARG A 49 1.62 23.98 15.90
CA ARG A 49 1.89 23.15 17.06
C ARG A 49 0.69 22.23 17.17
N ASP A 50 0.89 21.01 17.66
CA ASP A 50 -0.18 20.01 17.74
C ASP A 50 -0.81 19.62 16.40
N CYS A 51 0.02 19.49 15.35
CA CYS A 51 -0.45 19.26 13.99
C CYS A 51 -0.76 17.81 13.67
N LYS A 52 -1.32 17.59 12.48
CA LYS A 52 -1.85 16.28 12.10
C LYS A 52 -1.76 16.09 10.60
N LEU A 53 -1.42 14.86 10.20
CA LEU A 53 -1.26 14.50 8.80
C LEU A 53 -2.43 13.63 8.29
N THR A 54 -3.05 14.04 7.20
CA THR A 54 -4.28 13.42 6.69
C THR A 54 -4.15 13.06 5.18
N LEU A 55 -5.01 12.16 4.66
CA LEU A 55 -5.02 11.84 3.21
C LEU A 55 -6.45 12.00 2.69
N THR A 56 -6.65 12.71 1.57
CA THR A 56 -8.03 13.05 1.10
C THR A 56 -8.73 11.96 0.28
N ASP A 57 -10.01 12.19 -0.07
CA ASP A 57 -10.81 11.29 -0.93
C ASP A 57 -10.23 11.28 -2.33
N TYR A 58 -9.29 12.20 -2.55
CA TYR A 58 -8.79 12.46 -3.88
C TYR A 58 -7.27 12.15 -3.96
N GLY A 59 -6.72 11.60 -2.88
CA GLY A 59 -5.31 11.23 -2.84
C GLY A 59 -4.35 12.39 -2.71
N GLU A 60 -4.69 13.33 -1.84
CA GLU A 60 -3.81 14.45 -1.52
C GLU A 60 -3.42 14.38 -0.04
N LEU A 61 -2.15 14.63 0.27
CA LEU A 61 -1.70 14.66 1.65
C LEU A 61 -1.80 16.11 2.15
N VAL A 62 -2.44 16.28 3.31
CA VAL A 62 -2.71 17.61 3.87
C VAL A 62 -2.22 17.64 5.32
N ILE A 63 -1.63 18.76 5.72
CA ILE A 63 -1.27 18.94 7.12
C ILE A 63 -1.97 20.16 7.74
N LYS A 64 -2.67 19.94 8.84
CA LYS A 64 -3.28 21.04 9.53
C LYS A 64 -2.59 21.19 10.86
N ASN A 65 -2.59 22.40 11.41
CA ASN A 65 -1.96 22.68 12.69
C ASN A 65 -2.90 22.28 13.79
N GLY A 66 -2.62 22.77 14.99
CA GLY A 66 -3.49 22.57 16.13
C GLY A 66 -4.80 23.33 16.02
N ASP A 67 -4.77 24.53 15.43
CA ASP A 67 -5.97 25.35 15.24
C ASP A 67 -6.93 24.71 14.24
N GLY A 68 -6.55 24.73 12.96
CA GLY A 68 -7.34 24.06 11.94
C GLY A 68 -6.89 24.27 10.51
N SER A 69 -5.83 25.05 10.30
CA SER A 69 -5.44 25.42 8.94
C SER A 69 -4.55 24.42 8.21
N THR A 70 -4.92 24.14 6.97
CA THR A 70 -4.02 23.53 6.01
C THR A 70 -2.69 24.30 6.05
N VAL A 71 -1.59 23.56 6.10
CA VAL A 71 -0.24 24.14 6.21
C VAL A 71 0.66 23.64 5.09
N TRP A 72 0.30 22.48 4.54
CA TRP A 72 0.98 21.94 3.36
C TRP A 72 0.00 21.01 2.64
N ARG A 73 -0.02 21.08 1.32
CA ARG A 73 -0.82 20.17 0.53
C ARG A 73 0.21 19.49 -0.35
N SER A 74 -0.06 18.30 -0.85
CA SER A 74 0.88 17.65 -1.77
C SER A 74 0.64 18.15 -3.17
N ARG A 75 -0.52 18.80 -3.33
CA ARG A 75 -0.95 19.43 -4.58
C ARG A 75 -1.33 18.45 -5.70
N ALA A 76 -1.07 17.16 -5.51
CA ALA A 76 -1.42 16.16 -6.53
C ALA A 76 -2.89 15.77 -6.44
N GLN A 77 -3.56 15.63 -7.59
CA GLN A 77 -4.95 15.23 -7.57
C GLN A 77 -5.28 14.09 -8.55
N SER A 78 -6.12 13.17 -8.08
CA SER A 78 -6.79 12.16 -8.92
C SER A 78 -8.27 12.02 -8.53
N VAL A 79 -8.95 10.98 -9.00
CA VAL A 79 -10.41 10.92 -8.82
C VAL A 79 -10.87 10.63 -7.37
N LYS A 80 -12.18 10.65 -7.14
CA LYS A 80 -12.69 10.28 -5.83
C LYS A 80 -12.48 8.77 -5.69
N GLY A 81 -11.84 8.35 -4.60
CA GLY A 81 -11.61 6.93 -4.33
C GLY A 81 -10.76 6.68 -3.08
N ASN A 82 -10.49 5.42 -2.75
CA ASN A 82 -9.59 5.12 -1.64
C ASN A 82 -8.12 5.29 -1.98
N TYR A 83 -7.34 5.76 -1.02
CA TYR A 83 -5.93 5.97 -1.28
C TYR A 83 -5.09 5.46 -0.13
N ALA A 84 -3.83 5.17 -0.43
CA ALA A 84 -2.86 4.78 0.58
C ALA A 84 -1.64 5.62 0.32
N ALA A 85 -1.12 6.24 1.37
CA ALA A 85 0.20 6.82 1.28
C ALA A 85 1.05 5.69 1.84
N VAL A 86 2.14 5.30 1.14
CA VAL A 86 2.98 4.15 1.55
C VAL A 86 4.50 4.45 1.65
N VAL A 87 5.19 3.94 2.68
CA VAL A 87 6.65 4.15 2.79
C VAL A 87 7.38 3.07 2.02
N HIS A 88 7.58 3.32 0.74
CA HIS A 88 8.36 2.44 -0.11
C HIS A 88 9.71 2.15 0.53
N PRO A 89 10.20 0.91 0.41
CA PRO A 89 11.47 0.66 1.06
C PRO A 89 12.65 1.35 0.43
N ASP A 90 12.54 1.89 -0.78
CA ASP A 90 13.68 2.64 -1.29
C ASP A 90 13.86 3.95 -0.52
N GLY A 91 12.85 4.33 0.26
CA GLY A 91 12.91 5.56 1.02
C GLY A 91 12.06 6.69 0.50
N ARG A 92 11.09 6.39 -0.36
CA ARG A 92 10.18 7.41 -0.83
C ARG A 92 8.84 7.24 -0.17
N LEU A 93 8.11 8.34 -0.02
CA LEU A 93 6.69 8.28 0.39
C LEU A 93 5.85 8.42 -0.87
N VAL A 94 5.04 7.40 -1.18
CA VAL A 94 4.23 7.42 -2.40
C VAL A 94 2.72 7.36 -2.08
N VAL A 95 1.93 8.26 -2.70
CA VAL A 95 0.46 8.19 -2.59
C VAL A 95 -0.07 7.36 -3.73
N PHE A 96 -0.61 6.20 -3.42
CA PHE A 96 -1.17 5.36 -4.45
C PHE A 96 -2.65 5.51 -4.39
N GLY A 97 -3.32 5.19 -5.50
CA GLY A 97 -4.76 5.15 -5.52
C GLY A 97 -5.35 5.72 -6.80
N PRO A 98 -6.66 5.51 -6.99
CA PRO A 98 -7.62 4.94 -6.05
C PRO A 98 -7.56 3.42 -5.97
N SER A 99 -8.22 2.84 -4.97
CA SER A 99 -8.42 1.39 -4.89
C SER A 99 -8.85 0.87 -6.25
N VAL A 100 -8.43 -0.32 -6.65
CA VAL A 100 -8.87 -0.89 -7.94
C VAL A 100 -9.27 -2.35 -7.75
N PHE A 101 -9.21 -2.82 -6.50
CA PHE A 101 -9.51 -4.22 -6.22
C PHE A 101 -9.48 -4.49 -4.71
N LYS A 102 -10.33 -5.40 -4.24
CA LYS A 102 -10.52 -5.63 -2.80
C LYS A 102 -10.73 -7.12 -2.53
N ILE A 103 -9.99 -7.71 -1.59
CA ILE A 103 -10.31 -9.07 -1.18
C ILE A 103 -10.82 -9.01 0.23
N ASP A 104 -12.01 -9.60 0.45
CA ASP A 104 -12.75 -9.42 1.69
C ASP A 104 -12.95 -10.75 2.36
N PRO A 105 -12.22 -10.99 3.44
CA PRO A 105 -12.27 -12.28 4.14
C PRO A 105 -13.32 -12.25 5.22
N TRP A 106 -14.23 -11.28 5.12
CA TRP A 106 -15.30 -11.20 6.10
C TRP A 106 -16.64 -11.66 5.55
N VAL A 107 -16.98 -11.21 4.34
CA VAL A 107 -18.12 -11.75 3.59
C VAL A 107 -17.68 -13.12 2.98
N PRO A 108 -18.62 -14.09 2.83
CA PRO A 108 -18.23 -15.47 2.47
C PRO A 108 -17.92 -15.68 0.99
N GLY A 109 -17.44 -16.88 0.63
CA GLY A 109 -17.07 -17.17 -0.75
C GLY A 109 -18.25 -17.52 -1.65
N ASN B 1 15.89 -5.65 -8.16
CA ASN B 1 14.62 -5.96 -7.54
C ASN B 1 14.31 -5.02 -6.40
N ILE B 2 13.14 -5.24 -5.79
CA ILE B 2 12.64 -4.41 -4.70
C ILE B 2 12.67 -5.20 -3.41
N PRO B 3 13.25 -4.61 -2.35
CA PRO B 3 13.31 -5.29 -1.06
C PRO B 3 11.91 -5.64 -0.57
N PHE B 4 11.78 -6.70 0.20
CA PHE B 4 10.49 -7.16 0.66
C PHE B 4 9.99 -6.42 1.89
N THR B 5 8.67 -6.27 2.00
CA THR B 5 7.99 -5.70 3.18
C THR B 5 6.75 -6.57 3.38
N ASN B 6 6.64 -7.21 4.53
CA ASN B 6 5.73 -8.35 4.68
C ASN B 6 4.28 -8.14 4.29
N ASN B 7 3.87 -6.89 4.15
CA ASN B 7 2.46 -6.60 3.90
C ASN B 7 2.21 -5.85 2.59
N LEU B 8 3.25 -5.70 1.77
CA LEU B 8 3.10 -4.97 0.51
C LEU B 8 3.57 -5.84 -0.62
N LEU B 9 3.10 -5.54 -1.82
CA LEU B 9 3.60 -6.17 -3.03
C LEU B 9 3.47 -5.14 -4.13
N PHE B 10 4.59 -4.49 -4.44
CA PHE B 10 4.56 -3.46 -5.47
C PHE B 10 4.66 -4.11 -6.80
N SER B 11 4.11 -3.45 -7.81
CA SER B 11 4.22 -3.88 -9.18
C SER B 11 5.62 -4.33 -9.46
N GLY B 12 5.78 -5.57 -9.90
CA GLY B 12 7.08 -6.16 -10.19
C GLY B 12 7.41 -7.40 -9.37
N GLN B 13 7.22 -7.31 -8.06
CA GLN B 13 7.53 -8.42 -7.18
C GLN B 13 6.64 -9.59 -7.47
N VAL B 14 7.10 -10.77 -7.04
CA VAL B 14 6.53 -12.02 -7.49
C VAL B 14 6.63 -12.97 -6.32
N LEU B 15 5.49 -13.41 -5.79
CA LEU B 15 5.46 -14.39 -4.71
C LEU B 15 5.12 -15.74 -5.32
N TYR B 16 5.62 -16.80 -4.70
CA TYR B 16 5.40 -18.16 -5.16
C TYR B 16 5.82 -19.10 -4.06
N GLY B 17 5.42 -20.37 -4.16
CA GLY B 17 5.88 -21.38 -3.23
C GLY B 17 5.69 -21.08 -1.76
N ASP B 18 4.45 -20.73 -1.40
CA ASP B 18 4.06 -20.42 -0.04
C ASP B 18 4.69 -19.13 0.45
N GLY B 19 5.05 -18.25 -0.49
CA GLY B 19 5.46 -16.91 -0.12
C GLY B 19 4.21 -16.21 0.32
N ARG B 20 4.30 -15.10 1.04
CA ARG B 20 3.07 -14.54 1.56
C ARG B 20 3.17 -13.10 1.95
N LEU B 21 2.02 -12.43 1.93
CA LEU B 21 1.87 -11.19 2.66
C LEU B 21 1.45 -11.52 4.07
N THR B 22 2.03 -10.83 5.03
CA THR B 22 1.67 -11.03 6.42
C THR B 22 1.29 -9.72 7.04
N ALA B 23 0.09 -9.66 7.61
CA ALA B 23 -0.34 -8.51 8.39
C ALA B 23 -0.95 -8.99 9.69
N LYS B 24 -1.21 -8.05 10.59
CA LYS B 24 -1.74 -8.29 11.94
C LYS B 24 -2.18 -9.71 12.21
N SER B 25 -3.44 -9.97 11.88
CA SER B 25 -4.01 -11.28 12.10
C SER B 25 -4.33 -11.94 10.77
N HIS B 26 -3.50 -11.73 9.76
CA HIS B 26 -3.81 -12.32 8.46
C HIS B 26 -2.60 -12.69 7.66
N GLN B 27 -2.83 -13.61 6.71
CA GLN B 27 -1.83 -13.94 5.71
C GLN B 27 -2.51 -14.21 4.41
N LEU B 28 -1.94 -13.67 3.34
CA LEU B 28 -2.36 -13.99 1.99
C LEU B 28 -1.23 -14.79 1.37
N VAL B 29 -1.42 -16.10 1.17
CA VAL B 29 -0.33 -17.01 0.80
C VAL B 29 -0.48 -17.55 -0.60
N MET B 30 0.50 -17.33 -1.46
CA MET B 30 0.48 -17.91 -2.81
C MET B 30 1.05 -19.29 -2.66
N GLN B 31 0.18 -20.27 -2.46
CA GLN B 31 0.60 -21.60 -2.03
C GLN B 31 1.27 -22.48 -3.09
N GLY B 32 1.72 -23.66 -2.67
CA GLY B 32 2.41 -24.59 -3.56
C GLY B 32 1.46 -25.27 -4.52
N ASP B 33 0.20 -25.36 -4.11
CA ASP B 33 -0.83 -26.01 -4.92
C ASP B 33 -1.53 -25.06 -5.90
N CYS B 34 -0.85 -23.98 -6.28
CA CYS B 34 -1.40 -22.99 -7.19
C CYS B 34 -2.70 -22.31 -6.70
N ASN B 35 -3.01 -22.46 -5.41
CA ASN B 35 -4.13 -21.72 -4.83
C ASN B 35 -3.67 -20.52 -4.04
N LEU B 36 -4.14 -19.34 -4.41
CA LEU B 36 -3.92 -18.11 -3.63
C LEU B 36 -4.96 -18.03 -2.51
N VAL B 37 -4.50 -18.00 -1.26
CA VAL B 37 -5.41 -18.04 -0.13
C VAL B 37 -5.09 -16.98 0.92
N LEU B 38 -6.08 -16.13 1.23
CA LEU B 38 -5.95 -15.21 2.37
C LEU B 38 -6.39 -16.01 3.60
N TYR B 39 -5.58 -16.01 4.66
CA TYR B 39 -5.92 -16.73 5.87
C TYR B 39 -6.33 -15.77 6.95
N GLY B 40 -7.26 -16.21 7.81
CA GLY B 40 -7.86 -15.37 8.84
C GLY B 40 -9.25 -14.82 8.50
N GLY B 41 -9.54 -13.57 8.90
CA GLY B 41 -10.80 -12.91 8.60
C GLY B 41 -11.98 -13.61 9.26
N LYS B 42 -13.18 -13.46 8.70
CA LYS B 42 -14.32 -14.20 9.23
C LYS B 42 -14.54 -15.44 8.40
N TYR B 43 -14.14 -15.35 7.15
CA TYR B 43 -14.30 -16.46 6.23
C TYR B 43 -13.03 -16.68 5.41
N GLY B 44 -12.26 -15.63 5.21
CA GLY B 44 -11.09 -15.74 4.38
C GLY B 44 -11.42 -15.79 2.89
N TRP B 45 -10.39 -16.01 2.09
CA TRP B 45 -10.54 -15.98 0.65
C TRP B 45 -9.64 -17.01 0.01
N GLN B 46 -10.10 -17.57 -1.12
CA GLN B 46 -9.24 -18.39 -1.96
C GLN B 46 -9.59 -18.07 -3.39
N SER B 47 -8.74 -18.45 -4.33
CA SER B 47 -9.08 -18.30 -5.72
C SER B 47 -9.47 -19.68 -6.19
N ASN B 48 -9.45 -20.62 -5.26
CA ASN B 48 -9.88 -21.99 -5.50
C ASN B 48 -9.11 -22.71 -6.62
N THR B 49 -8.02 -22.10 -7.05
CA THR B 49 -7.26 -22.63 -8.15
C THR B 49 -6.35 -23.79 -7.72
N HIS B 50 -6.75 -24.54 -6.70
CA HIS B 50 -5.92 -25.65 -6.24
C HIS B 50 -5.66 -26.66 -7.33
N GLY B 51 -4.42 -27.12 -7.43
CA GLY B 51 -4.07 -28.16 -8.38
C GLY B 51 -4.13 -27.72 -9.84
N ASN B 52 -4.63 -26.52 -10.09
CA ASN B 52 -4.78 -26.01 -11.45
C ASN B 52 -3.45 -25.91 -12.20
N GLY B 53 -2.33 -25.88 -11.48
CA GLY B 53 -1.05 -25.72 -12.13
C GLY B 53 0.21 -26.05 -11.32
N GLU B 54 1.36 -26.06 -12.00
CA GLU B 54 2.61 -26.34 -11.32
C GLU B 54 3.52 -25.13 -11.23
N HIS B 55 4.09 -24.94 -10.04
CA HIS B 55 5.04 -23.89 -9.78
C HIS B 55 4.44 -22.52 -10.00
N CYS B 56 3.19 -22.35 -9.60
CA CYS B 56 2.50 -21.11 -9.89
C CYS B 56 3.13 -19.97 -9.12
N PHE B 57 3.05 -18.76 -9.68
CA PHE B 57 3.52 -17.59 -8.94
C PHE B 57 2.55 -16.44 -9.12
N LEU B 58 2.60 -15.50 -8.18
CA LEU B 58 1.72 -14.35 -8.19
C LEU B 58 2.49 -13.12 -8.55
N ARG B 59 1.86 -12.22 -9.32
CA ARG B 59 2.52 -10.97 -9.71
C ARG B 59 1.56 -9.87 -10.15
N LEU B 60 1.63 -8.77 -9.42
CA LEU B 60 0.83 -7.60 -9.70
C LEU B 60 1.64 -6.86 -10.72
N ASN B 61 1.04 -6.49 -11.86
CA ASN B 61 1.81 -5.84 -12.91
C ASN B 61 1.79 -4.33 -12.78
N HIS B 62 2.01 -3.63 -13.90
CA HIS B 62 2.04 -2.17 -13.87
C HIS B 62 0.80 -1.60 -14.52
N LYS B 63 -0.18 -2.45 -14.74
CA LYS B 63 -1.45 -1.96 -15.26
C LYS B 63 -2.48 -2.16 -14.18
N GLY B 64 -2.02 -2.55 -13.00
CA GLY B 64 -2.92 -2.90 -11.92
C GLY B 64 -3.43 -4.35 -11.94
N GLU B 65 -2.82 -5.25 -12.70
CA GLU B 65 -3.34 -6.62 -12.69
C GLU B 65 -2.51 -7.54 -11.78
N LEU B 66 -3.19 -8.14 -10.80
CA LEU B 66 -2.53 -9.13 -9.97
C LEU B 66 -2.88 -10.47 -10.59
N ILE B 67 -1.87 -11.22 -11.00
CA ILE B 67 -2.09 -12.40 -11.81
C ILE B 67 -1.42 -13.61 -11.21
N ILE B 68 -2.00 -14.79 -11.40
CA ILE B 68 -1.31 -16.02 -11.07
C ILE B 68 -0.89 -16.76 -12.34
N LYS B 69 0.40 -17.01 -12.53
CA LYS B 69 0.86 -17.78 -13.68
C LYS B 69 1.40 -19.10 -13.18
N ASP B 70 1.31 -20.14 -14.01
CA ASP B 70 2.01 -21.39 -13.70
C ASP B 70 3.38 -21.32 -14.35
N ASP B 71 4.21 -22.36 -14.19
CA ASP B 71 5.61 -22.30 -14.65
C ASP B 71 5.76 -22.10 -16.15
N ASP B 72 4.68 -22.31 -16.87
CA ASP B 72 4.65 -22.11 -18.32
C ASP B 72 3.94 -20.81 -18.71
N PHE B 73 3.71 -19.93 -17.74
CA PHE B 73 3.08 -18.63 -17.97
C PHE B 73 1.66 -18.70 -18.47
N LYS B 74 0.96 -19.79 -18.18
CA LYS B 74 -0.46 -19.79 -18.44
C LYS B 74 -1.12 -19.05 -17.31
N THR B 75 -1.99 -18.11 -17.67
CA THR B 75 -2.81 -17.42 -16.68
C THR B 75 -3.66 -18.46 -15.97
N ILE B 76 -3.68 -18.41 -14.65
CA ILE B 76 -4.49 -19.35 -13.91
C ILE B 76 -5.60 -18.55 -13.26
N TRP B 77 -5.32 -17.26 -13.07
CA TRP B 77 -6.23 -16.42 -12.31
C TRP B 77 -5.82 -14.99 -12.48
N SER B 78 -6.79 -14.11 -12.69
CA SER B 78 -6.48 -12.69 -12.76
C SER B 78 -7.29 -11.96 -11.74
N SER B 79 -6.77 -10.82 -11.28
CA SER B 79 -7.56 -9.95 -10.46
C SER B 79 -8.48 -9.24 -11.42
N SER B 80 -8.24 -9.42 -12.72
CA SER B 80 -9.13 -8.90 -13.76
C SER B 80 -9.52 -7.43 -13.57
N SER B 81 -8.53 -6.60 -13.20
CA SER B 81 -8.80 -5.22 -12.80
C SER B 81 -7.89 -4.20 -13.45
N SER B 82 -7.58 -4.39 -14.72
CA SER B 82 -6.68 -3.49 -15.45
C SER B 82 -7.15 -2.03 -15.44
N SER B 83 -6.20 -1.12 -15.24
CA SER B 83 -6.48 0.31 -15.22
C SER B 83 -5.30 1.07 -15.80
N LYS B 84 -5.10 2.32 -15.35
CA LYS B 84 -4.09 3.25 -15.87
C LYS B 84 -2.65 2.74 -15.67
N HIS B 85 -1.78 2.93 -16.67
CA HIS B 85 -0.44 2.35 -16.68
C HIS B 85 0.49 3.15 -15.78
N GLY B 86 1.07 2.48 -14.80
CA GLY B 86 1.98 3.10 -13.84
C GLY B 86 2.34 2.15 -12.71
N ASP B 87 2.79 2.70 -11.58
CA ASP B 87 3.21 1.88 -10.46
C ASP B 87 2.06 1.52 -9.49
N TYR B 88 1.85 0.24 -9.24
CA TYR B 88 0.79 -0.21 -8.36
C TYR B 88 1.37 -0.92 -7.14
N VAL B 89 0.52 -1.12 -6.11
CA VAL B 89 0.89 -1.88 -4.90
C VAL B 89 -0.28 -2.69 -4.40
N LEU B 90 0.01 -3.78 -3.69
CA LEU B 90 -1.04 -4.57 -3.09
C LEU B 90 -0.76 -4.60 -1.62
N ILE B 91 -1.62 -3.98 -0.81
CA ILE B 91 -1.44 -4.01 0.63
C ILE B 91 -2.33 -5.09 1.22
N LEU B 92 -1.77 -5.95 2.08
CA LEU B 92 -2.60 -6.78 2.96
C LEU B 92 -2.81 -5.92 4.21
N ARG B 93 -3.93 -5.18 4.28
CA ARG B 93 -4.14 -4.20 5.36
C ARG B 93 -4.40 -4.85 6.71
N ASP B 94 -4.13 -4.10 7.78
CA ASP B 94 -4.32 -4.59 9.15
C ASP B 94 -5.79 -4.92 9.47
N ASP B 95 -6.73 -4.35 8.71
CA ASP B 95 -8.14 -4.66 8.93
C ASP B 95 -8.59 -5.93 8.18
N GLY B 96 -7.63 -6.60 7.52
CA GLY B 96 -7.89 -7.87 6.87
C GLY B 96 -8.09 -7.79 5.38
N PHE B 97 -8.29 -6.59 4.86
CA PHE B 97 -8.54 -6.45 3.44
C PHE B 97 -7.25 -6.52 2.68
N ALA B 98 -7.21 -7.34 1.62
CA ALA B 98 -6.13 -7.25 0.68
C ALA B 98 -6.67 -6.29 -0.33
N VAL B 99 -6.01 -5.16 -0.54
CA VAL B 99 -6.51 -4.16 -1.48
C VAL B 99 -5.40 -3.71 -2.41
N ILE B 100 -5.72 -3.55 -3.68
CA ILE B 100 -4.74 -3.06 -4.64
C ILE B 100 -4.97 -1.59 -4.92
N TYR B 101 -4.03 -0.74 -4.50
CA TYR B 101 -4.09 0.69 -4.80
C TYR B 101 -3.13 1.05 -5.95
N GLY B 102 -3.48 2.07 -6.74
CA GLY B 102 -2.68 2.46 -7.88
C GLY B 102 -3.53 3.22 -8.90
N PRO B 103 -2.89 3.99 -9.80
CA PRO B 103 -1.44 4.17 -9.94
C PRO B 103 -0.91 5.27 -9.03
N ALA B 104 0.39 5.53 -9.12
CA ALA B 104 1.06 6.47 -8.24
C ALA B 104 0.91 7.92 -8.71
N ILE B 105 0.44 8.80 -7.84
CA ILE B 105 0.10 10.15 -8.25
C ILE B 105 0.97 11.20 -7.60
N TRP B 106 1.77 10.80 -6.63
CA TRP B 106 2.63 11.75 -5.97
C TRP B 106 3.77 11.07 -5.18
N GLU B 107 4.96 11.67 -5.20
CA GLU B 107 6.11 11.11 -4.48
C GLU B 107 7.02 12.18 -3.85
N THR B 108 7.81 11.80 -2.86
CA THR B 108 8.78 12.70 -2.26
C THR B 108 10.01 12.89 -3.17
N SER B 109 10.23 11.91 -4.06
CA SER B 109 11.37 11.92 -4.99
C SER B 109 11.25 10.71 -5.94
N PRO B 110 12.00 10.69 -7.07
CA PRO B 110 11.87 9.62 -8.08
C PRO B 110 12.76 8.38 -7.88
N GLN B 111 12.30 7.24 -8.38
CA GLN B 111 12.90 5.93 -8.15
C GLN B 111 14.44 5.89 -8.28
N ALA B 112 14.93 5.87 -9.52
CA ALA B 112 16.37 5.78 -9.74
C ALA B 112 17.04 7.15 -9.65
#